data_7TQ7
#
_entry.id   7TQ7
#
_cell.length_a   101.437
_cell.length_b   57.940
_cell.length_c   49.852
_cell.angle_alpha   90.000
_cell.angle_beta   112.370
_cell.angle_gamma   90.000
#
_symmetry.space_group_name_H-M   'C 1 2 1'
#
loop_
_entity.id
_entity.type
_entity.pdbx_description
1 polymer 'Orf1a protein'
2 non-polymer N-{(2S)-1-oxo-3-[(3S)-2-oxopyrrolidin-3-yl]propan-2-yl}-N~2~-({[(1R,2R)-2-propylcyclopropyl]methoxy}carbonyl)-L-leucinamide
3 non-polymer 'TETRAETHYLENE GLYCOL'
4 water water
#
_entity_poly.entity_id   1
_entity_poly.type   'polypeptide(L)'
_entity_poly.pdbx_seq_one_letter_code
;MHHHHHHSGLVKMSHPSGDVEACMVQVTCGSMTLNGLWLDNTVWCPRHVMCPADQLSDPNYDALLISMTNHSFSVQKHIG
APANLRVVGHAMQGTLLKLTVDVANPSTPAYTFTTVKPGAAFSVLACYNGRPTGTFTVVMRPNYTIKGSFLCGSCGSVGY
TKEGSVINFCYMHQMELANGTHTGSAFDGTMYGAFMDKQVHQVQLTDKYCSVNVVAWLYAAILNGCAWFVKPNRTSVVSF
NEWALANQFTEFVGTQSVDMLAVKTGVAIEQLLYAIQQLYTGFQGKQILGSTMLEDEFTPEDVNMQIMGVVMQ
;
_entity_poly.pdbx_strand_id   A
#
loop_
_chem_comp.id
_chem_comp.type
_chem_comp.name
_chem_comp.formula
IRR non-polymer N-{(2S)-1-oxo-3-[(3S)-2-oxopyrrolidin-3-yl]propan-2-yl}-N~2~-({[(1R,2R)-2-propylcyclopropyl]methoxy}carbonyl)-L-leucinamide 'C21 H35 N3 O5'
PG4 non-polymer 'TETRAETHYLENE GLYCOL' 'C8 H18 O5'
#
# COMPACT_ATOMS: atom_id res chain seq x y z
N HIS A 6 -1.57 4.78 29.35
CA HIS A 6 -1.38 6.03 28.59
C HIS A 6 -1.53 5.73 27.10
N HIS A 7 -2.38 6.50 26.44
CA HIS A 7 -2.63 6.30 25.01
C HIS A 7 -1.49 6.90 24.20
N SER A 8 -1.00 6.14 23.21
CA SER A 8 0.17 6.53 22.44
C SER A 8 -0.06 7.77 21.60
N GLY A 9 -1.31 8.08 21.29
CA GLY A 9 -1.58 9.11 20.34
C GLY A 9 -1.41 8.68 18.91
N LEU A 10 -1.21 7.39 18.67
CA LEU A 10 -1.08 6.84 17.32
C LEU A 10 -2.38 6.18 16.90
N VAL A 11 -2.81 6.48 15.70
CA VAL A 11 -3.92 5.77 15.10
C VAL A 11 -3.51 5.47 13.65
N LYS A 12 -4.27 4.59 13.02
CA LYS A 12 -4.07 4.35 11.59
C LYS A 12 -4.70 5.52 10.85
N MET A 13 -3.88 6.39 10.29
CA MET A 13 -4.34 7.63 9.70
C MET A 13 -4.22 7.58 8.19
N SER A 14 -5.31 7.90 7.51
CA SER A 14 -5.37 7.97 6.06
C SER A 14 -5.42 9.43 5.63
N HIS A 15 -5.04 9.68 4.38
CA HIS A 15 -5.25 11.02 3.82
C HIS A 15 -6.74 11.27 3.67
N PRO A 16 -7.18 12.53 3.76
CA PRO A 16 -8.56 12.83 3.37
C PRO A 16 -8.76 12.36 1.93
N SER A 17 -9.88 11.72 1.65
CA SER A 17 -10.07 11.01 0.38
C SER A 17 -10.80 11.79 -0.70
N GLY A 18 -11.27 13.02 -0.42
CA GLY A 18 -12.16 13.69 -1.36
C GLY A 18 -11.57 13.90 -2.74
N ASP A 19 -10.28 14.26 -2.82
CA ASP A 19 -9.66 14.52 -4.12
C ASP A 19 -9.70 13.29 -5.00
N VAL A 20 -9.55 12.11 -4.41
CA VAL A 20 -9.52 10.85 -5.16
C VAL A 20 -10.93 10.34 -5.45
N GLU A 21 -11.84 10.50 -4.49
CA GLU A 21 -13.24 10.16 -4.73
C GLU A 21 -13.75 10.75 -6.02
N ALA A 22 -13.38 12.00 -6.31
CA ALA A 22 -13.84 12.70 -7.51
C ALA A 22 -13.27 12.11 -8.80
N CYS A 23 -12.31 11.19 -8.70
CA CYS A 23 -11.71 10.53 -9.85
C CYS A 23 -12.22 9.13 -10.11
N MET A 24 -13.12 8.57 -9.29
CA MET A 24 -13.49 7.17 -9.42
C MET A 24 -14.69 7.03 -10.35
N VAL A 25 -14.63 6.02 -11.20
CA VAL A 25 -15.68 5.68 -12.15
C VAL A 25 -15.88 4.17 -12.11
N GLN A 26 -16.97 3.72 -12.72
CA GLN A 26 -17.24 2.32 -12.95
C GLN A 26 -16.85 1.98 -14.39
N VAL A 27 -16.19 0.84 -14.58
CA VAL A 27 -15.87 0.32 -15.91
C VAL A 27 -16.51 -1.05 -16.07
N THR A 28 -17.22 -1.24 -17.20
CA THR A 28 -17.86 -2.51 -17.50
C THR A 28 -17.42 -2.92 -18.89
N CYS A 29 -17.08 -4.18 -19.05
CA CYS A 29 -16.71 -4.75 -20.34
C CYS A 29 -17.21 -6.18 -20.29
N GLY A 30 -18.00 -6.58 -21.27
CA GLY A 30 -18.53 -7.94 -21.32
C GLY A 30 -19.41 -8.27 -20.14
N SER A 31 -18.95 -9.21 -19.32
CA SER A 31 -19.67 -9.69 -18.14
C SER A 31 -19.04 -9.19 -16.84
N MET A 32 -18.06 -8.29 -16.92
CA MET A 32 -17.26 -7.90 -15.77
C MET A 32 -17.51 -6.43 -15.47
N THR A 33 -17.52 -6.08 -14.19
CA THR A 33 -17.65 -4.67 -13.80
C THR A 33 -16.69 -4.41 -12.65
N LEU A 34 -15.91 -3.34 -12.75
CA LEU A 34 -15.05 -2.96 -11.64
C LEU A 34 -14.86 -1.44 -11.65
N ASN A 35 -13.85 -0.96 -10.93
CA ASN A 35 -13.62 0.47 -10.81
C ASN A 35 -12.47 0.93 -11.70
N GLY A 36 -12.52 2.21 -12.09
CA GLY A 36 -11.42 2.85 -12.75
C GLY A 36 -11.10 4.21 -12.16
N LEU A 37 -9.95 4.74 -12.57
CA LEU A 37 -9.44 6.03 -12.12
C LEU A 37 -9.36 6.97 -13.31
N TRP A 38 -10.11 8.08 -13.24
CA TRP A 38 -10.29 9.03 -14.34
C TRP A 38 -9.46 10.27 -14.06
N LEU A 39 -8.37 10.43 -14.81
CA LEU A 39 -7.46 11.57 -14.71
C LEU A 39 -7.30 12.18 -16.09
N ASP A 40 -7.50 13.50 -16.21
CA ASP A 40 -7.44 14.15 -17.53
C ASP A 40 -8.36 13.36 -18.45
N ASN A 41 -7.92 12.95 -19.65
CA ASN A 41 -8.75 12.20 -20.60
C ASN A 41 -8.51 10.70 -20.56
N THR A 42 -7.99 10.19 -19.45
CA THR A 42 -7.58 8.80 -19.34
C THR A 42 -8.32 8.13 -18.19
N VAL A 43 -8.83 6.92 -18.43
CA VAL A 43 -9.37 6.05 -17.37
C VAL A 43 -8.49 4.81 -17.28
N TRP A 44 -7.92 4.59 -16.10
CA TRP A 44 -7.12 3.41 -15.78
C TRP A 44 -7.98 2.37 -15.11
N CYS A 45 -7.84 1.10 -15.52
CA CYS A 45 -8.51 0.02 -14.79
C CYS A 45 -7.75 -1.28 -14.98
N PRO A 46 -8.00 -2.30 -14.14
CA PRO A 46 -7.35 -3.61 -14.33
C PRO A 46 -7.76 -4.22 -15.65
N ARG A 47 -6.81 -4.89 -16.28
CA ARG A 47 -7.13 -5.49 -17.57
C ARG A 47 -8.05 -6.70 -17.47
N HIS A 48 -8.20 -7.32 -16.29
CA HIS A 48 -9.09 -8.48 -16.25
C HIS A 48 -10.56 -8.11 -16.32
N VAL A 49 -10.89 -6.83 -16.50
CA VAL A 49 -12.27 -6.47 -16.80
C VAL A 49 -12.65 -7.06 -18.15
N MET A 50 -11.66 -7.33 -18.99
CA MET A 50 -11.92 -7.91 -20.31
C MET A 50 -12.17 -9.41 -20.26
N CYS A 51 -11.91 -10.05 -19.13
CA CYS A 51 -11.89 -11.50 -19.09
CA CYS A 51 -11.89 -11.51 -19.02
C CYS A 51 -13.28 -12.07 -18.87
N PRO A 52 -13.68 -13.08 -19.62
CA PRO A 52 -14.85 -13.87 -19.23
C PRO A 52 -14.53 -14.69 -17.98
N ALA A 53 -15.59 -15.07 -17.26
CA ALA A 53 -15.37 -15.85 -16.04
C ALA A 53 -14.70 -17.19 -16.34
N ASP A 54 -15.06 -17.81 -17.46
CA ASP A 54 -14.50 -19.10 -17.82
C ASP A 54 -12.99 -19.05 -18.06
N GLN A 55 -12.37 -17.86 -18.07
CA GLN A 55 -10.99 -17.71 -18.46
C GLN A 55 -10.14 -16.95 -17.42
N LEU A 56 -10.66 -16.73 -16.22
CA LEU A 56 -9.91 -15.96 -15.22
C LEU A 56 -8.63 -16.65 -14.76
N SER A 57 -8.50 -17.97 -14.91
CA SER A 57 -7.30 -18.68 -14.48
CA SER A 57 -7.30 -18.68 -14.48
C SER A 57 -6.17 -18.67 -15.50
N ASP A 58 -6.48 -18.47 -16.77
CA ASP A 58 -5.43 -18.42 -17.79
C ASP A 58 -5.86 -17.51 -18.92
N PRO A 59 -6.08 -16.23 -18.65
CA PRO A 59 -6.54 -15.34 -19.72
C PRO A 59 -5.46 -15.12 -20.77
N ASN A 60 -5.88 -14.98 -22.02
CA ASN A 60 -4.95 -14.52 -23.05
C ASN A 60 -5.25 -13.05 -23.25
N TYR A 61 -4.54 -12.21 -22.50
CA TYR A 61 -4.91 -10.81 -22.47
C TYR A 61 -4.66 -10.14 -23.81
N ASP A 62 -3.58 -10.53 -24.50
CA ASP A 62 -3.30 -9.95 -25.81
C ASP A 62 -4.46 -10.19 -26.79
N ALA A 63 -5.01 -11.40 -26.79
CA ALA A 63 -6.09 -11.68 -27.74
C ALA A 63 -7.39 -11.02 -27.30
N LEU A 64 -7.66 -10.99 -25.99
CA LEU A 64 -8.80 -10.23 -25.50
C LEU A 64 -8.71 -8.77 -25.92
N LEU A 65 -7.54 -8.16 -25.78
CA LEU A 65 -7.38 -6.76 -26.13
C LEU A 65 -7.70 -6.55 -27.61
N ILE A 66 -7.19 -7.43 -28.45
CA ILE A 66 -7.42 -7.33 -29.88
C ILE A 66 -8.90 -7.41 -30.17
N SER A 67 -9.64 -8.21 -29.41
CA SER A 67 -11.05 -8.44 -29.69
C SER A 67 -11.93 -7.29 -29.28
N MET A 68 -11.43 -6.35 -28.48
CA MET A 68 -12.23 -5.24 -28.01
C MET A 68 -12.18 -4.10 -29.01
N THR A 69 -13.30 -3.36 -29.07
CA THR A 69 -13.39 -2.04 -29.68
C THR A 69 -13.64 -0.99 -28.60
N ASN A 70 -13.59 0.28 -28.99
CA ASN A 70 -13.86 1.34 -28.02
C ASN A 70 -15.22 1.13 -27.37
N HIS A 71 -16.22 0.77 -28.17
CA HIS A 71 -17.60 0.59 -27.73
C HIS A 71 -17.77 -0.62 -26.81
N SER A 72 -16.75 -1.47 -26.67
CA SER A 72 -16.80 -2.60 -25.76
C SER A 72 -16.77 -2.15 -24.30
N PHE A 73 -16.24 -0.95 -24.04
CA PHE A 73 -16.01 -0.46 -22.69
C PHE A 73 -17.05 0.59 -22.36
N SER A 74 -17.77 0.38 -21.26
CA SER A 74 -18.77 1.33 -20.79
C SER A 74 -18.22 1.94 -19.51
N VAL A 75 -18.04 3.26 -19.51
CA VAL A 75 -17.50 3.98 -18.36
C VAL A 75 -18.55 4.94 -17.83
N GLN A 76 -18.85 4.85 -16.53
CA GLN A 76 -19.86 5.70 -15.90
C GLN A 76 -19.34 6.30 -14.60
N LYS A 77 -19.61 7.59 -14.38
CA LYS A 77 -19.39 8.23 -13.08
C LYS A 77 -20.72 8.37 -12.36
N HIS A 78 -20.71 8.20 -11.04
CA HIS A 78 -21.94 8.21 -10.24
C HIS A 78 -22.07 9.41 -9.30
N ALA A 83 -22.76 10.45 -15.08
CA ALA A 83 -22.33 10.70 -16.45
C ALA A 83 -21.86 9.41 -17.11
N ASN A 84 -22.07 9.31 -18.42
CA ASN A 84 -21.41 8.30 -19.25
C ASN A 84 -20.25 8.96 -19.96
N LEU A 85 -19.07 8.32 -19.86
CA LEU A 85 -17.89 8.78 -20.55
C LEU A 85 -17.67 7.90 -21.78
N ARG A 86 -17.66 8.53 -22.95
CA ARG A 86 -17.46 7.79 -24.19
C ARG A 86 -15.99 7.45 -24.38
N VAL A 87 -15.71 6.16 -24.59
CA VAL A 87 -14.34 5.72 -24.83
C VAL A 87 -14.00 5.92 -26.29
N VAL A 88 -12.88 6.61 -26.54
CA VAL A 88 -12.41 6.92 -27.89
C VAL A 88 -11.03 6.35 -28.16
N GLY A 89 -10.44 5.64 -27.20
CA GLY A 89 -9.18 4.94 -27.41
C GLY A 89 -9.02 3.92 -26.32
N HIS A 90 -8.30 2.84 -26.63
CA HIS A 90 -7.99 1.84 -25.62
C HIS A 90 -6.62 1.24 -25.88
N ALA A 91 -5.91 0.97 -24.79
CA ALA A 91 -4.56 0.43 -24.84
C ALA A 91 -4.30 -0.34 -23.55
N MET A 92 -3.32 -1.23 -23.62
CA MET A 92 -2.92 -2.03 -22.48
C MET A 92 -1.50 -1.69 -22.08
N GLN A 93 -1.31 -1.45 -20.78
CA GLN A 93 0.03 -1.25 -20.23
C GLN A 93 0.20 -2.22 -19.08
N GLY A 94 0.97 -3.28 -19.34
CA GLY A 94 1.18 -4.30 -18.32
C GLY A 94 -0.16 -4.88 -17.97
N THR A 95 -0.49 -4.82 -16.67
CA THR A 95 -1.71 -5.39 -16.11
C THR A 95 -2.84 -4.38 -16.01
N LEU A 96 -2.69 -3.19 -16.61
CA LEU A 96 -3.69 -2.16 -16.62
C LEU A 96 -4.14 -1.83 -18.04
N LEU A 97 -5.39 -1.45 -18.16
CA LEU A 97 -5.86 -0.76 -19.35
C LEU A 97 -5.81 0.74 -19.17
N LYS A 98 -5.52 1.43 -20.28
CA LYS A 98 -5.60 2.88 -20.40
C LYS A 98 -6.68 3.17 -21.43
N LEU A 99 -7.84 3.62 -20.95
CA LEU A 99 -8.93 4.03 -21.81
C LEU A 99 -8.89 5.53 -21.98
N THR A 100 -8.94 5.98 -23.23
CA THR A 100 -9.05 7.39 -23.52
C THR A 100 -10.52 7.74 -23.67
N VAL A 101 -10.95 8.81 -22.99
CA VAL A 101 -12.36 9.20 -22.98
C VAL A 101 -12.44 10.62 -23.55
N ASP A 102 -13.66 10.99 -23.97
CA ASP A 102 -13.86 12.23 -24.71
C ASP A 102 -14.00 13.45 -23.81
N VAL A 103 -14.04 13.26 -22.50
CA VAL A 103 -14.21 14.34 -21.54
C VAL A 103 -13.06 14.26 -20.56
N ALA A 104 -12.33 15.35 -20.39
CA ALA A 104 -11.34 15.45 -19.34
C ALA A 104 -12.01 15.68 -17.98
N ASN A 105 -11.54 14.95 -16.97
CA ASN A 105 -12.10 15.08 -15.64
C ASN A 105 -11.89 16.50 -15.13
N PRO A 106 -12.95 17.28 -14.91
CA PRO A 106 -12.76 18.65 -14.41
C PRO A 106 -12.25 18.70 -12.98
N SER A 107 -12.27 17.58 -12.28
CA SER A 107 -11.79 17.50 -10.90
C SER A 107 -10.46 16.77 -10.80
N THR A 108 -9.70 16.69 -11.89
CA THR A 108 -8.37 16.06 -11.86
C THR A 108 -7.47 16.81 -10.89
N PRO A 109 -6.94 16.14 -9.87
CA PRO A 109 -6.00 16.79 -8.95
C PRO A 109 -4.63 16.87 -9.60
N ALA A 110 -3.74 17.65 -8.98
CA ALA A 110 -2.33 17.53 -9.29
C ALA A 110 -1.87 16.14 -8.86
N TYR A 111 -1.17 15.44 -9.73
CA TYR A 111 -0.85 14.05 -9.43
C TYR A 111 0.42 13.59 -10.11
N THR A 112 0.97 12.50 -9.56
CA THR A 112 2.08 11.75 -10.15
C THR A 112 1.78 10.28 -9.94
N PHE A 113 2.56 9.44 -10.60
CA PHE A 113 2.55 8.00 -10.39
C PHE A 113 3.90 7.60 -9.79
N THR A 114 3.86 6.83 -8.72
CA THR A 114 5.10 6.36 -8.11
C THR A 114 4.90 4.92 -7.64
N THR A 115 6.01 4.22 -7.41
CA THR A 115 5.94 2.89 -6.82
C THR A 115 6.28 2.98 -5.34
N VAL A 116 5.49 2.30 -4.52
CA VAL A 116 5.70 2.29 -3.07
C VAL A 116 6.62 1.13 -2.73
N LYS A 117 7.42 1.32 -1.68
CA LYS A 117 8.43 0.39 -1.26
C LYS A 117 8.02 -0.34 0.02
N PRO A 118 8.54 -1.55 0.25
CA PRO A 118 8.20 -2.28 1.48
C PRO A 118 8.43 -1.44 2.72
N GLY A 119 7.49 -1.53 3.65
CA GLY A 119 7.52 -0.77 4.86
C GLY A 119 6.90 0.61 4.77
N ALA A 120 6.65 1.12 3.56
CA ALA A 120 6.03 2.43 3.42
C ALA A 120 4.51 2.30 3.44
N ALA A 121 3.88 3.33 3.99
CA ALA A 121 2.44 3.39 4.16
C ALA A 121 1.78 4.15 3.01
N PHE A 122 0.56 3.74 2.70
CA PHE A 122 -0.25 4.52 1.77
C PHE A 122 -1.71 4.34 2.12
N SER A 123 -2.50 5.26 1.59
CA SER A 123 -3.93 5.30 1.80
C SER A 123 -4.65 4.61 0.66
N VAL A 124 -5.72 3.87 0.99
CA VAL A 124 -6.52 3.17 0.00
C VAL A 124 -7.95 3.67 0.07
N LEU A 125 -8.52 3.90 -1.10
CA LEU A 125 -9.96 4.18 -1.24
C LEU A 125 -10.63 2.96 -1.84
N ALA A 126 -11.36 2.23 -1.00
CA ALA A 126 -12.07 1.02 -1.39
C ALA A 126 -13.38 1.42 -2.03
N CYS A 127 -13.61 0.95 -3.25
CA CYS A 127 -14.73 1.34 -4.09
C CYS A 127 -15.38 0.08 -4.63
N TYR A 128 -16.71 0.17 -4.81
CA TYR A 128 -17.51 -0.88 -5.43
C TYR A 128 -18.44 -0.22 -6.44
N ASN A 129 -18.46 -0.75 -7.67
CA ASN A 129 -19.35 -0.22 -8.70
C ASN A 129 -19.09 1.27 -8.91
N GLY A 130 -17.84 1.68 -8.80
CA GLY A 130 -17.49 3.07 -8.96
C GLY A 130 -17.88 3.97 -7.80
N ARG A 131 -18.37 3.41 -6.71
CA ARG A 131 -18.79 4.22 -5.55
C ARG A 131 -17.81 4.03 -4.42
N PRO A 132 -17.16 5.09 -3.94
CA PRO A 132 -16.28 4.96 -2.77
C PRO A 132 -17.08 4.51 -1.54
N THR A 133 -16.53 3.54 -0.84
CA THR A 133 -17.23 2.97 0.31
CA THR A 133 -17.18 2.87 0.27
C THR A 133 -16.44 3.04 1.60
N GLY A 134 -15.12 3.09 1.58
CA GLY A 134 -14.34 3.21 2.80
C GLY A 134 -12.92 3.58 2.48
N THR A 135 -12.22 4.08 3.49
CA THR A 135 -10.79 4.34 3.35
C THR A 135 -10.01 3.82 4.55
N PHE A 136 -8.78 3.40 4.27
CA PHE A 136 -7.93 2.76 5.26
C PHE A 136 -6.50 2.93 4.79
N THR A 137 -5.56 2.68 5.71
CA THR A 137 -4.14 2.77 5.38
C THR A 137 -3.45 1.44 5.63
N VAL A 138 -2.50 1.11 4.75
CA VAL A 138 -1.74 -0.12 4.81
C VAL A 138 -0.27 0.23 4.62
N VAL A 139 0.60 -0.67 5.06
CA VAL A 139 2.02 -0.67 4.74
CA VAL A 139 2.00 -0.64 4.70
C VAL A 139 2.25 -1.79 3.72
N MET A 140 3.02 -1.48 2.68
CA MET A 140 3.45 -2.51 1.73
C MET A 140 4.35 -3.49 2.47
N ARG A 141 3.97 -4.75 2.48
CA ARG A 141 4.77 -5.75 3.19
C ARG A 141 6.04 -6.10 2.42
N PRO A 142 7.06 -6.63 3.11
CA PRO A 142 8.26 -7.13 2.42
C PRO A 142 8.01 -8.18 1.36
N ASN A 143 6.86 -8.87 1.35
CA ASN A 143 6.56 -9.84 0.30
C ASN A 143 5.59 -9.27 -0.73
N TYR A 144 5.45 -7.95 -0.76
CA TYR A 144 4.68 -7.22 -1.78
C TYR A 144 3.21 -7.58 -1.76
N THR A 145 2.70 -7.81 -0.57
CA THR A 145 1.28 -7.89 -0.32
C THR A 145 0.91 -6.77 0.63
N ILE A 146 -0.40 -6.55 0.78
CA ILE A 146 -0.92 -5.63 1.80
C ILE A 146 -1.99 -6.38 2.54
N LYS A 147 -2.16 -6.02 3.81
CA LYS A 147 -3.16 -6.60 4.69
C LYS A 147 -4.36 -5.67 4.63
N GLY A 148 -5.15 -5.81 3.58
CA GLY A 148 -6.23 -4.89 3.33
C GLY A 148 -7.59 -5.45 3.70
N SER A 149 -8.61 -4.85 3.10
CA SER A 149 -9.98 -5.26 3.32
C SER A 149 -10.67 -5.00 1.99
N PHE A 150 -10.76 -6.05 1.17
CA PHE A 150 -11.26 -5.98 -0.19
C PHE A 150 -12.18 -7.16 -0.45
N LEU A 151 -13.34 -6.91 -1.06
CA LEU A 151 -14.29 -7.95 -1.42
C LEU A 151 -14.49 -8.01 -2.95
N CYS A 152 -15.30 -8.96 -3.41
CA CYS A 152 -15.60 -9.00 -4.83
C CYS A 152 -16.13 -7.65 -5.29
N GLY A 153 -15.63 -7.19 -6.44
CA GLY A 153 -15.96 -5.90 -7.00
C GLY A 153 -15.04 -4.76 -6.64
N SER A 154 -14.03 -5.01 -5.80
CA SER A 154 -13.17 -3.94 -5.33
C SER A 154 -12.02 -3.66 -6.27
N CYS A 155 -11.83 -4.47 -7.31
CA CYS A 155 -10.68 -4.23 -8.14
C CYS A 155 -10.78 -2.86 -8.81
N GLY A 156 -9.63 -2.25 -9.02
CA GLY A 156 -9.58 -0.90 -9.49
C GLY A 156 -9.59 0.15 -8.36
N SER A 157 -9.91 -0.25 -7.14
CA SER A 157 -9.69 0.62 -5.99
C SER A 157 -8.22 1.06 -6.00
N VAL A 158 -7.95 2.29 -5.52
CA VAL A 158 -6.62 2.86 -5.66
C VAL A 158 -5.98 3.17 -4.31
N GLY A 159 -4.64 3.09 -4.31
CA GLY A 159 -3.84 3.50 -3.17
C GLY A 159 -2.95 4.66 -3.60
N TYR A 160 -2.65 5.53 -2.65
CA TYR A 160 -1.96 6.79 -2.95
C TYR A 160 -1.35 7.36 -1.68
N THR A 161 -0.34 8.19 -1.87
CA THR A 161 0.23 9.07 -0.86
C THR A 161 0.02 10.49 -1.36
N LYS A 162 0.36 11.46 -0.51
CA LYS A 162 0.13 12.85 -0.84
C LYS A 162 1.33 13.65 -0.37
N GLU A 163 1.85 14.50 -1.23
CA GLU A 163 2.94 15.41 -0.91
C GLU A 163 2.45 16.80 -1.27
N GLY A 164 2.16 17.61 -0.26
CA GLY A 164 1.53 18.88 -0.52
C GLY A 164 0.14 18.63 -1.05
N SER A 165 -0.19 19.30 -2.15
CA SER A 165 -1.44 19.08 -2.84
C SER A 165 -1.34 18.04 -3.94
N VAL A 166 -0.19 17.38 -4.09
CA VAL A 166 0.03 16.44 -5.19
C VAL A 166 -0.26 15.03 -4.71
N ILE A 167 -1.16 14.35 -5.39
CA ILE A 167 -1.51 12.98 -5.07
C ILE A 167 -0.58 12.06 -5.86
N ASN A 168 0.06 11.12 -5.17
CA ASN A 168 1.01 10.19 -5.76
C ASN A 168 0.33 8.83 -5.78
N PHE A 169 -0.20 8.44 -6.93
CA PHE A 169 -0.92 7.17 -7.03
C PHE A 169 0.12 6.07 -7.15
N CYS A 170 -0.05 5.04 -6.33
CA CYS A 170 0.93 3.97 -6.24
C CYS A 170 0.35 2.56 -6.33
N TYR A 171 -0.97 2.38 -6.40
CA TYR A 171 -1.53 1.05 -6.25
C TYR A 171 -2.90 1.01 -6.90
N MET A 172 -3.16 -0.03 -7.68
CA MET A 172 -4.49 -0.27 -8.17
C MET A 172 -4.80 -1.73 -7.88
N HIS A 173 -5.92 -1.97 -7.21
CA HIS A 173 -6.15 -3.28 -6.63
C HIS A 173 -6.49 -4.34 -7.71
N GLN A 174 -5.89 -5.53 -7.54
CA GLN A 174 -6.07 -6.65 -8.47
C GLN A 174 -6.56 -7.96 -7.85
N MET A 175 -6.12 -8.35 -6.66
CA MET A 175 -6.45 -9.72 -6.26
C MET A 175 -6.18 -9.96 -4.78
N GLU A 176 -6.77 -11.06 -4.29
CA GLU A 176 -6.55 -11.58 -2.96
C GLU A 176 -5.75 -12.86 -3.08
N LEU A 177 -4.82 -13.07 -2.15
CA LEU A 177 -4.00 -14.27 -2.15
C LEU A 177 -4.64 -15.31 -1.22
N ALA A 178 -4.14 -16.55 -1.30
CA ALA A 178 -4.76 -17.62 -0.54
C ALA A 178 -4.73 -17.35 0.97
N ASN A 179 -3.73 -16.61 1.46
CA ASN A 179 -3.64 -16.34 2.90
C ASN A 179 -4.43 -15.10 3.32
N GLY A 180 -5.25 -14.55 2.43
CA GLY A 180 -6.12 -13.45 2.78
C GLY A 180 -5.53 -12.07 2.56
N THR A 181 -4.24 -11.97 2.25
CA THR A 181 -3.66 -10.68 1.91
C THR A 181 -3.98 -10.35 0.46
N HIS A 182 -3.54 -9.16 0.03
CA HIS A 182 -3.97 -8.54 -1.21
C HIS A 182 -2.76 -8.02 -1.98
N THR A 183 -2.88 -7.95 -3.30
CA THR A 183 -1.87 -7.22 -4.06
C THR A 183 -2.49 -6.62 -5.31
N GLY A 184 -1.68 -5.83 -6.00
CA GLY A 184 -2.15 -5.10 -7.14
C GLY A 184 -0.99 -4.57 -7.96
N SER A 185 -1.31 -3.56 -8.75
CA SER A 185 -0.43 -3.02 -9.78
C SER A 185 0.03 -1.62 -9.39
N ALA A 186 1.22 -1.26 -9.87
CA ALA A 186 1.62 0.11 -9.98
C ALA A 186 1.07 0.67 -11.28
N PHE A 187 1.10 1.99 -11.43
CA PHE A 187 0.53 2.59 -12.63
C PHE A 187 1.48 2.56 -13.82
N ASP A 188 2.68 2.00 -13.66
CA ASP A 188 3.44 1.55 -14.83
C ASP A 188 2.96 0.19 -15.35
N GLY A 189 1.95 -0.39 -14.71
CA GLY A 189 1.40 -1.65 -15.18
C GLY A 189 2.03 -2.90 -14.58
N THR A 190 3.13 -2.78 -13.85
CA THR A 190 3.70 -3.95 -13.18
C THR A 190 2.86 -4.34 -11.98
N MET A 191 2.77 -5.62 -11.71
CA MET A 191 2.31 -6.08 -10.40
C MET A 191 3.43 -5.92 -9.40
N TYR A 192 3.06 -5.62 -8.16
CA TYR A 192 4.03 -5.66 -7.09
C TYR A 192 4.51 -7.10 -6.88
N GLY A 193 5.79 -7.24 -6.55
CA GLY A 193 6.34 -8.57 -6.31
C GLY A 193 6.39 -9.38 -7.59
N ALA A 194 6.37 -10.70 -7.43
CA ALA A 194 6.39 -11.64 -8.55
C ALA A 194 4.99 -12.09 -8.97
N PHE A 195 3.96 -11.38 -8.54
CA PHE A 195 2.59 -11.82 -8.75
C PHE A 195 2.14 -11.60 -10.19
N MET A 196 1.16 -12.42 -10.61
CA MET A 196 0.54 -12.38 -11.92
C MET A 196 -0.96 -12.22 -11.74
N ASP A 197 -1.58 -11.50 -12.67
CA ASP A 197 -3.02 -11.24 -12.61
C ASP A 197 -3.80 -12.36 -13.30
N LYS A 198 -3.67 -13.56 -12.72
CA LYS A 198 -4.33 -14.78 -13.14
C LYS A 198 -4.88 -15.45 -11.89
N GLN A 199 -6.07 -16.05 -12.01
CA GLN A 199 -6.71 -16.63 -10.82
C GLN A 199 -6.26 -18.09 -10.65
N VAL A 200 -5.02 -18.21 -10.21
CA VAL A 200 -4.41 -19.48 -9.84
C VAL A 200 -3.59 -19.27 -8.58
N HIS A 201 -3.37 -20.35 -7.85
CA HIS A 201 -2.53 -20.26 -6.65
C HIS A 201 -1.10 -19.91 -7.05
N GLN A 202 -0.48 -19.04 -6.27
CA GLN A 202 0.83 -18.50 -6.60
C GLN A 202 1.73 -18.56 -5.38
N VAL A 203 3.03 -18.71 -5.62
CA VAL A 203 3.99 -18.73 -4.52
C VAL A 203 3.85 -17.43 -3.74
N GLN A 204 3.98 -17.52 -2.43
CA GLN A 204 4.01 -16.33 -1.61
C GLN A 204 5.34 -16.27 -0.88
N LEU A 205 6.05 -15.17 -1.07
CA LEU A 205 7.31 -15.00 -0.38
C LEU A 205 7.02 -14.81 1.09
N THR A 206 8.03 -15.08 1.91
CA THR A 206 7.88 -14.88 3.33
C THR A 206 7.71 -13.40 3.64
N ASP A 207 6.80 -13.10 4.56
CA ASP A 207 6.72 -11.78 5.17
C ASP A 207 7.87 -11.67 6.18
N LYS A 208 8.16 -10.43 6.56
CA LYS A 208 9.22 -10.13 7.51
C LYS A 208 8.77 -8.95 8.33
N TYR A 209 9.31 -8.83 9.54
CA TYR A 209 9.15 -7.62 10.33
C TYR A 209 9.90 -6.47 9.67
N CYS A 210 9.27 -5.31 9.56
CA CYS A 210 9.89 -4.13 8.97
CA CYS A 210 9.90 -4.13 8.98
C CYS A 210 10.67 -3.42 10.08
N SER A 211 12.00 -3.64 10.10
CA SER A 211 12.83 -3.16 11.21
C SER A 211 12.72 -1.66 11.42
N VAL A 212 12.72 -0.87 10.33
CA VAL A 212 12.71 0.57 10.50
C VAL A 212 11.41 1.01 11.14
N ASN A 213 10.31 0.31 10.85
CA ASN A 213 9.03 0.66 11.48
C ASN A 213 8.96 0.21 12.95
N VAL A 214 9.56 -0.94 13.30
CA VAL A 214 9.67 -1.32 14.70
C VAL A 214 10.48 -0.29 15.49
N VAL A 215 11.59 0.18 14.92
CA VAL A 215 12.36 1.24 15.55
C VAL A 215 11.49 2.47 15.78
N ALA A 216 10.71 2.87 14.76
CA ALA A 216 9.82 4.02 14.91
C ALA A 216 8.85 3.85 16.08
N TRP A 217 8.28 2.66 16.22
CA TRP A 217 7.31 2.39 17.25
C TRP A 217 7.96 2.42 18.62
N LEU A 218 9.16 1.87 18.75
CA LEU A 218 9.88 2.00 20.02
C LEU A 218 10.18 3.46 20.36
N TYR A 219 10.48 4.28 19.34
CA TYR A 219 10.63 5.72 19.60
C TYR A 219 9.30 6.32 20.04
N ALA A 220 8.20 5.87 19.42
CA ALA A 220 6.89 6.35 19.85
C ALA A 220 6.65 6.00 21.31
N ALA A 221 7.07 4.80 21.73
CA ALA A 221 6.94 4.42 23.12
C ALA A 221 7.70 5.38 24.04
N ILE A 222 8.95 5.68 23.70
CA ILE A 222 9.76 6.62 24.50
C ILE A 222 9.09 7.99 24.57
N LEU A 223 8.62 8.50 23.43
CA LEU A 223 7.95 9.79 23.41
C LEU A 223 6.70 9.82 24.27
N ASN A 224 6.16 8.66 24.64
CA ASN A 224 4.99 8.55 25.49
C ASN A 224 5.35 8.18 26.91
N GLY A 225 6.62 8.25 27.27
CA GLY A 225 7.05 7.97 28.62
C GLY A 225 7.33 6.51 28.93
N CYS A 226 7.40 5.66 27.91
CA CYS A 226 7.51 4.19 28.05
C CYS A 226 8.87 3.79 27.48
N ALA A 227 9.86 3.62 28.36
CA ALA A 227 11.22 3.37 27.93
C ALA A 227 11.94 2.30 28.77
N TRP A 228 11.20 1.39 29.39
CA TRP A 228 11.84 0.36 30.22
C TRP A 228 12.80 -0.52 29.43
N PHE A 229 12.58 -0.66 28.12
CA PHE A 229 13.39 -1.53 27.27
C PHE A 229 14.67 -0.86 26.80
N VAL A 230 14.87 0.42 27.09
CA VAL A 230 16.09 1.11 26.71
C VAL A 230 17.20 0.80 27.71
N LYS A 231 18.32 0.31 27.21
CA LYS A 231 19.51 0.06 28.00
C LYS A 231 20.70 0.73 27.34
N PRO A 232 21.84 0.82 28.03
CA PRO A 232 23.03 1.39 27.35
C PRO A 232 23.56 0.49 26.26
N ASN A 233 23.21 -0.79 26.29
CA ASN A 233 23.68 -1.75 25.31
C ASN A 233 23.25 -1.32 23.91
N ARG A 234 24.07 -1.69 22.93
CA ARG A 234 23.89 -1.21 21.57
C ARG A 234 24.27 -2.31 20.62
N THR A 235 23.62 -2.32 19.47
CA THR A 235 23.97 -3.19 18.37
C THR A 235 24.16 -2.28 17.17
N SER A 236 25.21 -2.54 16.40
CA SER A 236 25.46 -1.71 15.23
C SER A 236 24.49 -2.07 14.12
N VAL A 237 24.34 -1.16 13.17
CA VAL A 237 23.47 -1.46 12.04
C VAL A 237 24.00 -2.67 11.28
N VAL A 238 25.32 -2.74 11.08
CA VAL A 238 25.85 -3.86 10.31
CA VAL A 238 25.86 -3.87 10.31
C VAL A 238 25.60 -5.18 11.05
N SER A 239 25.77 -5.18 12.37
CA SER A 239 25.55 -6.41 13.13
C SER A 239 24.07 -6.76 13.18
N PHE A 240 23.22 -5.76 13.41
CA PHE A 240 21.78 -6.03 13.39
C PHE A 240 21.36 -6.64 12.06
N ASN A 241 21.89 -6.11 10.96
CA ASN A 241 21.41 -6.56 9.66
C ASN A 241 21.83 -8.00 9.38
N GLU A 242 23.03 -8.41 9.79
CA GLU A 242 23.38 -9.83 9.76
C GLU A 242 22.36 -10.65 10.56
N TRP A 243 22.06 -10.21 11.78
CA TRP A 243 21.09 -10.89 12.62
C TRP A 243 19.72 -10.93 11.95
N ALA A 244 19.30 -9.81 11.36
CA ALA A 244 17.98 -9.73 10.75
C ALA A 244 17.77 -10.83 9.72
N LEU A 245 18.80 -11.10 8.91
CA LEU A 245 18.68 -12.08 7.83
C LEU A 245 18.35 -13.47 8.36
N ALA A 246 18.80 -13.80 9.57
CA ALA A 246 18.54 -15.11 10.14
C ALA A 246 17.28 -15.14 10.99
N ASN A 247 16.57 -14.02 11.10
CA ASN A 247 15.47 -13.94 12.04
C ASN A 247 14.22 -13.29 11.45
N GLN A 248 14.10 -13.24 10.12
CA GLN A 248 12.88 -12.83 9.45
C GLN A 248 12.58 -11.35 9.71
N PHE A 249 13.63 -10.54 9.86
CA PHE A 249 13.55 -9.10 9.86
C PHE A 249 14.12 -8.54 8.56
N THR A 250 13.58 -7.40 8.14
CA THR A 250 14.21 -6.62 7.08
C THR A 250 15.52 -6.05 7.60
N GLU A 251 16.44 -5.84 6.68
CA GLU A 251 17.62 -5.05 7.00
C GLU A 251 17.24 -3.59 7.25
N PHE A 252 17.86 -3.02 8.28
CA PHE A 252 17.57 -1.67 8.70
C PHE A 252 18.37 -0.66 7.89
N VAL A 253 17.68 0.36 7.38
CA VAL A 253 18.29 1.49 6.69
C VAL A 253 17.75 2.75 7.33
N GLY A 254 18.60 3.46 8.05
CA GLY A 254 18.17 4.68 8.72
C GLY A 254 17.86 5.80 7.74
N THR A 255 17.07 6.75 8.22
CA THR A 255 16.61 7.89 7.42
C THR A 255 16.61 9.13 8.29
N GLN A 256 16.47 10.29 7.65
CA GLN A 256 16.39 11.54 8.38
C GLN A 256 15.19 11.54 9.33
N SER A 257 14.10 10.87 8.95
CA SER A 257 12.94 10.80 9.83
CA SER A 257 12.95 10.82 9.84
C SER A 257 13.27 10.05 11.11
N VAL A 258 14.04 8.96 10.99
CA VAL A 258 14.44 8.24 12.19
C VAL A 258 15.42 9.07 12.99
N ASP A 259 16.34 9.75 12.31
CA ASP A 259 17.30 10.61 13.02
C ASP A 259 16.60 11.69 13.86
N MET A 260 15.48 12.27 13.37
CA MET A 260 14.78 13.27 14.17
C MET A 260 14.22 12.68 15.46
N LEU A 261 13.79 11.42 15.39
CA LEU A 261 13.29 10.74 16.59
C LEU A 261 14.43 10.47 17.57
N ALA A 262 15.62 10.15 17.05
CA ALA A 262 16.78 9.95 17.92
C ALA A 262 17.17 11.24 18.60
N VAL A 263 17.13 12.36 17.87
CA VAL A 263 17.44 13.67 18.44
C VAL A 263 16.44 14.04 19.51
N LYS A 264 15.15 13.93 19.21
CA LYS A 264 14.11 14.34 20.15
C LYS A 264 14.15 13.52 21.44
N THR A 265 14.43 12.21 21.34
CA THR A 265 14.40 11.37 22.53
C THR A 265 15.74 11.24 23.23
N GLY A 266 16.84 11.58 22.57
CA GLY A 266 18.15 11.26 23.10
C GLY A 266 18.49 9.78 23.18
N VAL A 267 17.79 8.91 22.46
CA VAL A 267 18.09 7.48 22.43
C VAL A 267 18.62 7.15 21.05
N ALA A 268 19.76 6.48 21.00
CA ALA A 268 20.39 6.16 19.73
C ALA A 268 19.73 4.97 19.07
N ILE A 269 19.76 4.99 17.73
CA ILE A 269 19.22 3.90 16.94
C ILE A 269 19.78 2.57 17.41
N GLU A 270 21.10 2.53 17.64
CA GLU A 270 21.74 1.28 17.99
C GLU A 270 21.24 0.71 19.32
N GLN A 271 20.79 1.58 20.22
CA GLN A 271 20.16 1.13 21.46
C GLN A 271 18.87 0.40 21.16
N LEU A 272 18.09 0.90 20.20
CA LEU A 272 16.83 0.24 19.90
C LEU A 272 17.01 -1.00 19.04
N LEU A 273 18.09 -1.09 18.25
CA LEU A 273 18.36 -2.34 17.53
C LEU A 273 18.69 -3.46 18.51
N TYR A 274 19.46 -3.14 19.56
CA TYR A 274 19.69 -4.10 20.63
C TYR A 274 18.37 -4.49 21.31
N ALA A 275 17.56 -3.49 21.67
CA ALA A 275 16.26 -3.77 22.28
C ALA A 275 15.43 -4.73 21.42
N ILE A 276 15.37 -4.47 20.11
CA ILE A 276 14.60 -5.35 19.23
C ILE A 276 15.09 -6.79 19.32
N GLN A 277 16.41 -6.99 19.33
CA GLN A 277 16.96 -8.33 19.44
C GLN A 277 16.48 -9.03 20.71
N GLN A 278 16.51 -8.31 21.83
CA GLN A 278 16.06 -8.86 23.10
C GLN A 278 14.54 -9.06 23.12
N LEU A 279 13.80 -8.05 22.68
CA LEU A 279 12.35 -8.16 22.68
C LEU A 279 11.86 -9.30 21.77
N TYR A 280 12.58 -9.59 20.69
CA TYR A 280 12.15 -10.66 19.79
C TYR A 280 12.14 -12.00 20.52
N THR A 281 13.13 -12.23 21.39
CA THR A 281 13.12 -13.45 22.20
C THR A 281 11.94 -13.48 23.17
N GLY A 282 11.42 -12.32 23.56
CA GLY A 282 10.25 -12.27 24.41
C GLY A 282 10.14 -11.01 25.22
N PHE A 283 8.92 -10.56 25.49
CA PHE A 283 8.68 -9.36 26.27
C PHE A 283 8.69 -9.64 27.77
N GLN A 284 8.70 -10.91 28.16
CA GLN A 284 8.75 -11.31 29.57
C GLN A 284 7.63 -10.65 30.37
N GLY A 285 6.42 -10.73 29.82
CA GLY A 285 5.24 -10.26 30.50
C GLY A 285 5.05 -8.76 30.51
N LYS A 286 6.03 -7.98 30.03
CA LYS A 286 5.85 -6.54 29.99
C LYS A 286 5.15 -6.15 28.69
N GLN A 287 4.57 -4.95 28.70
CA GLN A 287 3.93 -4.41 27.52
C GLN A 287 4.62 -3.15 27.04
N ILE A 288 4.52 -2.89 25.74
CA ILE A 288 4.99 -1.64 25.15
C ILE A 288 3.81 -1.03 24.42
N LEU A 289 3.41 0.17 24.83
CA LEU A 289 2.25 0.83 24.22
C LEU A 289 1.07 -0.14 24.08
N GLY A 290 0.83 -0.93 25.13
CA GLY A 290 -0.31 -1.81 25.20
C GLY A 290 -0.20 -3.11 24.44
N SER A 291 0.99 -3.44 23.94
CA SER A 291 1.20 -4.63 23.11
C SER A 291 2.27 -5.50 23.74
N THR A 292 2.13 -6.81 23.53
CA THR A 292 3.13 -7.78 23.94
C THR A 292 3.87 -8.37 22.74
N MET A 293 3.74 -7.74 21.57
CA MET A 293 4.53 -8.12 20.40
C MET A 293 4.95 -6.86 19.65
N LEU A 294 6.02 -7.01 18.89
CA LEU A 294 6.56 -5.89 18.14
C LEU A 294 5.54 -5.43 17.11
N GLU A 295 5.49 -4.12 16.91
CA GLU A 295 4.58 -3.47 15.96
C GLU A 295 5.40 -2.87 14.84
N ASP A 296 5.09 -3.22 13.60
CA ASP A 296 5.82 -2.67 12.46
C ASP A 296 4.92 -1.97 11.43
N GLU A 297 3.70 -1.60 11.82
CA GLU A 297 2.77 -0.98 10.89
C GLU A 297 2.71 0.55 11.01
N PHE A 298 3.54 1.16 11.84
CA PHE A 298 3.71 2.61 11.87
C PHE A 298 5.10 3.01 11.42
N THR A 299 5.18 4.01 10.56
CA THR A 299 6.44 4.45 9.99
C THR A 299 7.07 5.55 10.81
N PRO A 300 8.35 5.80 10.58
CA PRO A 300 8.96 6.98 11.21
C PRO A 300 8.23 8.27 10.91
N GLU A 301 7.72 8.40 9.67
CA GLU A 301 6.95 9.59 9.30
C GLU A 301 5.65 9.68 10.08
N ASP A 302 4.97 8.55 10.29
CA ASP A 302 3.76 8.54 11.11
C ASP A 302 4.03 9.11 12.49
N VAL A 303 5.09 8.60 13.13
CA VAL A 303 5.41 9.00 14.49
C VAL A 303 5.77 10.47 14.53
N ASN A 304 6.61 10.91 13.59
CA ASN A 304 6.98 12.32 13.52
C ASN A 304 5.75 13.22 13.35
N MET A 305 4.84 12.83 12.47
CA MET A 305 3.67 13.65 12.21
C MET A 305 2.65 13.57 13.34
N GLN A 306 2.33 12.38 13.83
CA GLN A 306 1.18 12.26 14.72
C GLN A 306 1.51 12.69 16.13
N ILE A 307 2.74 12.43 16.57
CA ILE A 307 3.13 12.76 17.92
C ILE A 307 3.86 14.09 17.98
N MET A 308 4.73 14.37 17.00
CA MET A 308 5.57 15.57 17.06
C MET A 308 5.04 16.72 16.19
N GLY A 309 4.01 16.51 15.40
CA GLY A 309 3.49 17.58 14.56
C GLY A 309 4.47 18.07 13.52
N VAL A 310 5.18 17.15 12.86
CA VAL A 310 6.28 17.47 11.93
C VAL A 310 6.01 16.75 10.62
N VAL A 311 5.59 17.49 9.60
CA VAL A 311 5.50 16.95 8.23
C VAL A 311 6.59 17.57 7.37
C15 IRR B . -7.76 -12.37 -11.15
C15 IRR B . -7.84 -12.31 -11.19
C19 IRR B . -8.72 -13.51 -6.91
C19 IRR B . -8.75 -13.43 -7.09
C22 IRR B . -8.69 -16.32 -4.30
C22 IRR B . -8.72 -16.25 -4.41
C16 IRR B . -6.61 -11.34 -10.95
C16 IRR B . -6.63 -11.37 -10.97
C17 IRR B . -7.99 -12.66 -12.67
C17 IRR B . -8.03 -12.65 -12.70
C24 IRR B . -7.79 -16.58 -3.08
C24 IRR B . -7.89 -16.45 -3.14
C25 IRR B . -7.07 -18.35 -4.93
C25 IRR B . -7.04 -18.26 -4.90
C26 IRR B . -6.30 -18.58 -6.25
C26 IRR B . -6.29 -18.51 -6.21
C27 IRR B . -6.12 -17.32 -7.12
C27 IRR B . -6.16 -17.26 -7.11
O28 IRR B . -8.57 -12.53 -6.16
O28 IRR B . -8.45 -12.48 -6.36
N11 IRR B . -10.03 -9.87 -7.96
N11 IRR B . -10.18 -9.77 -7.94
C01 IRR B . -11.39 -7.88 -8.29
C01 IRR B . -11.49 -7.70 -8.23
C03 IRR B . -11.10 -9.11 -7.39
C03 IRR B . -11.25 -8.98 -7.40
C04 IRR B . -10.78 -8.62 -5.96
C04 IRR B . -10.94 -8.60 -5.94
C05 IRR B . -10.57 -9.76 -4.95
C05 IRR B . -10.60 -9.81 -5.07
C06 IRR B . -10.41 -9.36 -3.46
C06 IRR B . -10.14 -9.52 -3.62
C08 IRR B . -12.06 -11.02 -3.39
C08 IRR B . -12.00 -10.94 -3.32
C09 IRR B . -11.84 -10.61 -4.87
C09 IRR B . -11.87 -10.63 -4.84
C12 IRR B . -10.10 -11.21 -8.23
C12 IRR B . -10.30 -11.05 -8.41
C13 IRR B . -8.90 -11.96 -8.83
C13 IRR B . -9.08 -11.82 -8.96
C14 IRR B . -9.05 -11.94 -10.40
C14 IRR B . -9.11 -11.78 -10.52
C21 IRR B . -8.95 -14.88 -4.89
C21 IRR B . -8.99 -14.82 -5.05
C23 IRR B . -7.24 -16.91 -4.47
C23 IRR B . -7.26 -16.81 -4.48
N07 IRR B . -11.25 -10.06 -2.60
N07 IRR B . -10.92 -10.16 -2.66
N18 IRR B . -8.81 -13.30 -8.28
N18 IRR B . -9.03 -13.18 -8.42
O02 IRR B . -12.53 -7.20 -7.79
O02 IRR B . -11.91 -8.10 -9.54
O10 IRR B . -9.63 -8.49 -3.10
O10 IRR B . -9.18 -8.82 -3.37
O20 IRR B . -8.82 -14.75 -6.34
O20 IRR B . -8.83 -14.69 -6.51
O29 IRR B . -11.10 -11.87 -7.98
O29 IRR B . -11.38 -11.63 -8.39
O1 PG4 C . -0.62 16.17 11.93
C1 PG4 C . -1.16 14.86 11.75
C2 PG4 C . -0.51 14.15 10.60
O2 PG4 C . -1.34 13.12 10.09
C3 PG4 C . -1.46 13.10 8.66
C4 PG4 C . -1.13 11.74 8.13
O3 PG4 C . -1.66 11.60 6.80
C5 PG4 C . -1.77 10.22 6.45
C6 PG4 C . -0.48 9.48 6.61
O4 PG4 C . 0.62 10.27 6.16
C7 PG4 C . 1.63 9.46 5.57
#